data_9CDE
#
_entry.id   9CDE
#
_cell.length_a   1.00
_cell.length_b   1.00
_cell.length_c   1.00
_cell.angle_alpha   90.00
_cell.angle_beta   90.00
_cell.angle_gamma   90.00
#
_symmetry.space_group_name_H-M   'P 1'
#
loop_
_entity.id
_entity.type
_entity.pdbx_description
1 polymer 'Kalium Channelrhodopsin 1 C110A - Continuous Illumination State'
2 non-polymer RETINAL
3 non-polymer CHOLESTEROL
4 non-polymer 1,2-dioleoyl-sn-glycero-3-phosphoethanolamine
5 water water
#
_entity_poly.entity_id   1
_entity_poly.type   'polypeptide(L)'
_entity_poly.pdbx_seq_one_letter_code
;MPFYDSRPPEGWPKGSINDMDYPLLGSICAVCCVFVAGSGIWMLYRLDLGMGYSCKPYKSGRAPEVNSLSGIICLLCGTM
YAAKSFDFFDGGGTPFSLNWYWYLDYVFTAPLLILDFAFTLDLPHKIRYFFAVFLTLWCGVAAFVTPSAYRFAYYALGCC
WFTPFALSLMRHVKERYLVYPPKCQRWLFWACVIFFGFWPMFPILFIFSWLGTGHISQQAFYIIHAFLDLTCKSIFGILM
TVFRLELEEHTEVQGLPLNEPETLS
;
_entity_poly.pdbx_strand_id   A
#
loop_
_chem_comp.id
_chem_comp.type
_chem_comp.name
_chem_comp.formula
CLR non-polymer CHOLESTEROL 'C27 H46 O'
PEE non-polymer 1,2-dioleoyl-sn-glycero-3-phosphoethanolamine 'C41 H78 N O8 P'
RET non-polymer RETINAL 'C20 H28 O'
#
# COMPACT_ATOMS: atom_id res chain seq x y z
N ILE A 17 3.05 -0.99 -26.72
CA ILE A 17 3.07 -0.15 -27.91
C ILE A 17 3.15 1.33 -27.50
N ASN A 18 4.06 2.06 -28.14
CA ASN A 18 4.31 3.47 -27.80
C ASN A 18 3.31 4.34 -28.54
N ASP A 19 2.06 4.28 -28.07
CA ASP A 19 1.00 5.12 -28.62
C ASP A 19 0.05 5.67 -27.55
N MET A 20 0.31 5.42 -26.28
CA MET A 20 -0.57 5.90 -25.22
C MET A 20 -0.32 7.37 -24.94
N ASP A 21 -1.26 7.99 -24.21
CA ASP A 21 -1.20 9.41 -23.88
C ASP A 21 -0.22 9.58 -22.71
N TYR A 22 1.06 9.65 -23.05
CA TYR A 22 2.09 9.79 -22.02
C TYR A 22 1.97 11.07 -21.20
N PRO A 23 1.75 12.26 -21.79
CA PRO A 23 1.61 13.45 -20.94
C PRO A 23 0.45 13.36 -19.96
N LEU A 24 -0.64 12.69 -20.34
CA LEU A 24 -1.71 12.43 -19.37
C LEU A 24 -1.21 11.55 -18.23
N LEU A 25 -0.44 10.51 -18.55
CA LEU A 25 0.09 9.63 -17.52
C LEU A 25 1.02 10.39 -16.58
N GLY A 26 1.89 11.24 -17.13
CA GLY A 26 2.76 12.04 -16.29
C GLY A 26 1.99 12.98 -15.39
N SER A 27 0.95 13.63 -15.93
CA SER A 27 0.14 14.52 -15.11
C SER A 27 -0.56 13.76 -14.01
N ILE A 28 -1.11 12.58 -14.32
CA ILE A 28 -1.77 11.79 -13.29
C ILE A 28 -0.78 11.35 -12.23
N CYS A 29 0.40 10.89 -12.66
CA CYS A 29 1.43 10.48 -11.70
C CYS A 29 1.92 11.66 -10.87
N ALA A 30 2.08 12.84 -11.50
CA ALA A 30 2.50 14.01 -10.76
C ALA A 30 1.46 14.43 -9.74
N VAL A 31 0.18 14.36 -10.10
CA VAL A 31 -0.87 14.78 -9.19
C VAL A 31 -0.91 13.87 -7.97
N CYS A 32 -0.88 12.56 -8.19
CA CYS A 32 -0.92 11.63 -7.07
C CYS A 32 0.36 11.67 -6.26
N CYS A 33 1.50 11.91 -6.90
CA CYS A 33 2.75 12.05 -6.17
C CYS A 33 2.69 13.19 -5.16
N VAL A 34 2.11 14.31 -5.57
CA VAL A 34 1.90 15.42 -4.62
C VAL A 34 0.94 14.99 -3.51
N PHE A 35 -0.13 14.29 -3.88
CA PHE A 35 -1.12 13.89 -2.88
C PHE A 35 -0.55 12.88 -1.89
N VAL A 36 0.16 11.85 -2.39
CA VAL A 36 0.71 10.83 -1.51
C VAL A 36 1.79 11.42 -0.61
N ALA A 37 2.70 12.21 -1.20
CA ALA A 37 3.76 12.82 -0.41
C ALA A 37 3.19 13.81 0.61
N GLY A 38 2.23 14.62 0.20
CA GLY A 38 1.62 15.56 1.12
C GLY A 38 0.94 14.88 2.28
N SER A 39 0.23 13.78 2.01
CA SER A 39 -0.37 13.00 3.08
C SER A 39 0.69 12.41 4.00
N GLY A 40 1.79 11.92 3.43
CA GLY A 40 2.87 11.36 4.24
C GLY A 40 3.52 12.40 5.13
N ILE A 41 3.72 13.61 4.61
CA ILE A 41 4.29 14.68 5.42
C ILE A 41 3.35 15.05 6.55
N TRP A 42 2.04 15.02 6.30
CA TRP A 42 1.08 15.36 7.35
C TRP A 42 1.15 14.36 8.49
N MET A 43 1.09 13.06 8.18
CA MET A 43 1.05 12.05 9.24
C MET A 43 2.37 12.00 10.00
N LEU A 44 3.48 12.24 9.32
CA LEU A 44 4.75 12.41 10.03
C LEU A 44 4.70 13.65 10.92
N TYR A 45 4.16 14.75 10.40
CA TYR A 45 4.00 15.95 11.21
C TYR A 45 3.01 15.72 12.34
N ARG A 46 1.91 15.03 12.05
CA ARG A 46 0.91 14.78 13.08
C ARG A 46 1.44 13.85 14.16
N LEU A 47 2.29 12.88 13.79
CA LEU A 47 2.77 11.90 14.76
C LEU A 47 3.59 12.56 15.85
N ASP A 48 4.58 13.38 15.48
CA ASP A 48 5.42 14.03 16.48
C ASP A 48 4.70 15.15 17.22
N LEU A 49 3.55 15.60 16.71
CA LEU A 49 2.80 16.67 17.38
C LEU A 49 2.29 16.20 18.74
N GLY A 50 1.78 14.98 18.82
CA GLY A 50 1.22 14.47 20.06
C GLY A 50 0.66 13.07 19.95
N MET A 51 0.79 12.27 21.02
CA MET A 51 0.36 10.88 20.98
C MET A 51 -1.14 10.74 20.76
N GLY A 52 -1.92 11.17 21.74
CA GLY A 52 -3.36 10.99 21.67
C GLY A 52 -3.99 11.77 20.53
N TYR A 53 -5.27 11.48 20.28
CA TYR A 53 -5.96 12.17 19.19
C TYR A 53 -5.88 13.69 19.38
N SER A 54 -5.84 14.15 20.63
CA SER A 54 -5.69 15.58 20.86
C SER A 54 -4.23 16.00 20.75
N CYS A 55 -3.43 15.64 21.75
CA CYS A 55 -2.03 16.02 21.85
C CYS A 55 -1.40 15.34 23.06
N LYS A 56 -0.14 14.93 22.93
CA LYS A 56 0.64 14.42 24.05
C LYS A 56 2.12 14.43 23.72
N PRO A 57 2.96 15.09 24.53
CA PRO A 57 4.38 15.23 24.18
C PRO A 57 5.21 13.99 24.44
N TYR A 58 4.57 12.83 24.60
CA TYR A 58 5.20 11.54 24.89
C TYR A 58 5.72 11.48 26.31
N LYS A 59 5.68 10.29 26.92
CA LYS A 59 6.26 10.13 28.25
C LYS A 59 7.78 10.19 28.19
N SER A 60 8.39 9.45 27.26
CA SER A 60 9.83 9.50 27.08
C SER A 60 10.26 10.67 26.20
N GLY A 61 9.32 11.31 25.51
CA GLY A 61 9.61 12.44 24.66
C GLY A 61 9.73 12.13 23.18
N ARG A 62 9.89 10.85 22.83
CA ARG A 62 10.12 10.45 21.44
C ARG A 62 9.09 9.40 21.04
N ALA A 63 8.63 9.49 19.79
CA ALA A 63 7.65 8.55 19.27
C ALA A 63 8.27 7.18 19.03
N PRO A 64 7.47 6.12 19.06
CA PRO A 64 7.98 4.79 18.71
C PRO A 64 8.48 4.75 17.27
N GLU A 65 9.51 3.95 17.04
CA GLU A 65 10.11 3.87 15.71
C GLU A 65 9.14 3.27 14.69
N VAL A 66 8.42 2.22 15.08
CA VAL A 66 7.55 1.54 14.13
C VAL A 66 6.32 2.37 13.77
N ASN A 67 5.96 3.36 14.59
CA ASN A 67 4.79 4.17 14.30
C ASN A 67 4.97 5.06 13.09
N SER A 68 6.20 5.34 12.70
CA SER A 68 6.47 6.21 11.57
C SER A 68 6.49 5.47 10.24
N LEU A 69 6.29 4.16 10.24
CA LEU A 69 6.36 3.39 9.00
C LEU A 69 5.29 3.82 8.02
N SER A 70 4.09 4.18 8.50
CA SER A 70 3.02 4.59 7.62
C SER A 70 3.39 5.85 6.84
N GLY A 71 3.99 6.82 7.51
CA GLY A 71 4.38 8.05 6.83
C GLY A 71 5.49 7.84 5.81
N ILE A 72 6.47 7.00 6.14
CA ILE A 72 7.61 6.80 5.26
C ILE A 72 7.17 6.15 3.96
N ILE A 73 6.20 5.23 4.03
CA ILE A 73 5.72 4.53 2.84
C ILE A 73 5.11 5.53 1.85
N CYS A 74 4.31 6.47 2.36
CA CYS A 74 3.72 7.48 1.48
C CYS A 74 4.79 8.31 0.81
N LEU A 75 5.79 8.77 1.58
CA LEU A 75 6.92 9.46 0.97
C LEU A 75 7.69 8.53 0.05
N LEU A 76 7.86 7.27 0.45
CA LEU A 76 8.46 6.28 -0.44
C LEU A 76 7.61 6.09 -1.69
N CYS A 77 6.29 5.97 -1.51
CA CYS A 77 5.39 5.89 -2.67
C CYS A 77 5.36 7.19 -3.44
N GLY A 78 5.41 8.33 -2.73
CA GLY A 78 5.49 9.61 -3.41
C GLY A 78 6.75 9.77 -4.22
N THR A 79 7.90 9.39 -3.64
CA THR A 79 9.15 9.42 -4.37
C THR A 79 9.11 8.47 -5.55
N MET A 80 8.55 7.27 -5.36
CA MET A 80 8.40 6.33 -6.46
C MET A 80 7.51 6.90 -7.56
N TYR A 81 6.42 7.56 -7.18
CA TYR A 81 5.55 8.16 -8.18
C TYR A 81 6.19 9.38 -8.83
N ALA A 82 7.04 10.11 -8.10
CA ALA A 82 7.78 11.20 -8.71
C ALA A 82 8.68 10.69 -9.82
N ALA A 83 9.34 9.55 -9.60
CA ALA A 83 10.18 8.96 -10.64
C ALA A 83 9.32 8.45 -11.80
N LYS A 84 8.13 7.94 -11.51
CA LYS A 84 7.22 7.52 -12.57
C LYS A 84 6.81 8.71 -13.43
N SER A 85 6.51 9.85 -12.80
CA SER A 85 6.11 11.04 -13.56
C SER A 85 7.25 11.52 -14.45
N PHE A 86 8.48 11.49 -13.94
CA PHE A 86 9.63 11.87 -14.76
C PHE A 86 9.76 10.94 -15.96
N ASP A 87 9.51 9.64 -15.76
CA ASP A 87 9.58 8.69 -16.87
C ASP A 87 8.53 9.01 -17.93
N PHE A 88 7.30 9.33 -17.50
CA PHE A 88 6.23 9.57 -18.47
C PHE A 88 6.38 10.92 -19.15
N PHE A 89 6.91 11.93 -18.44
CA PHE A 89 7.15 13.22 -19.06
C PHE A 89 8.18 13.11 -20.18
N ASP A 90 9.21 12.29 -19.98
CA ASP A 90 10.23 12.05 -20.98
C ASP A 90 9.77 11.12 -22.10
N GLY A 91 8.48 10.81 -22.16
CA GLY A 91 7.94 9.93 -23.18
C GLY A 91 8.06 8.45 -22.89
N GLY A 92 8.61 8.07 -21.74
CA GLY A 92 8.78 6.67 -21.39
C GLY A 92 10.05 6.08 -21.97
N GLY A 93 10.34 4.87 -21.53
CA GLY A 93 11.53 4.17 -22.01
C GLY A 93 12.84 4.68 -21.45
N THR A 94 12.79 5.45 -20.36
CA THR A 94 14.01 5.94 -19.75
C THR A 94 14.79 4.79 -19.13
N PRO A 95 16.12 4.90 -19.03
CA PRO A 95 16.90 3.81 -18.41
C PRO A 95 16.48 3.50 -16.98
N PHE A 96 16.11 4.51 -16.22
CA PHE A 96 15.55 4.33 -14.87
C PHE A 96 14.07 4.65 -14.98
N SER A 97 13.25 3.63 -15.25
CA SER A 97 11.85 3.82 -15.59
C SER A 97 10.92 3.67 -14.40
N LEU A 98 11.05 2.58 -13.64
CA LEU A 98 10.12 2.15 -12.59
C LEU A 98 8.73 1.83 -13.14
N ASN A 99 8.54 1.91 -14.46
CA ASN A 99 7.30 1.49 -15.09
C ASN A 99 7.48 0.32 -16.05
N TRP A 100 8.69 0.11 -16.56
CA TRP A 100 8.94 -1.04 -17.43
C TRP A 100 8.76 -2.35 -16.67
N TYR A 101 9.26 -2.41 -15.44
CA TYR A 101 9.12 -3.59 -14.59
C TYR A 101 8.02 -3.29 -13.56
N TRP A 102 6.82 -3.80 -13.84
CA TRP A 102 5.69 -3.54 -12.97
C TRP A 102 5.87 -4.22 -11.61
N TYR A 103 5.24 -3.64 -10.60
CA TYR A 103 5.21 -4.17 -9.24
C TYR A 103 6.59 -4.19 -8.60
N LEU A 104 7.62 -3.75 -9.34
CA LEU A 104 8.97 -3.73 -8.77
C LEU A 104 9.07 -2.71 -7.65
N ASP A 105 8.47 -1.54 -7.82
CA ASP A 105 8.42 -0.58 -6.73
C ASP A 105 7.55 -1.09 -5.58
N TYR A 106 6.50 -1.85 -5.90
CA TYR A 106 5.64 -2.38 -4.86
C TYR A 106 6.38 -3.37 -3.96
N VAL A 107 7.43 -3.97 -4.48
CA VAL A 107 8.27 -4.86 -3.67
C VAL A 107 8.89 -4.10 -2.51
N PHE A 108 9.24 -2.83 -2.73
CA PHE A 108 9.82 -2.01 -1.67
C PHE A 108 8.79 -1.45 -0.71
N THR A 109 7.53 -1.30 -1.13
CA THR A 109 6.50 -0.63 -0.35
C THR A 109 5.48 -1.59 0.25
N ALA A 110 4.91 -2.49 -0.55
CA ALA A 110 3.84 -3.34 -0.06
C ALA A 110 4.22 -4.19 1.15
N PRO A 111 5.39 -4.82 1.22
CA PRO A 111 5.74 -5.54 2.45
C PRO A 111 5.78 -4.66 3.69
N LEU A 112 6.09 -3.38 3.53
CA LEU A 112 6.13 -2.48 4.67
C LEU A 112 4.72 -2.12 5.16
N LEU A 113 3.75 -2.10 4.25
CA LEU A 113 2.38 -1.76 4.62
C LEU A 113 1.82 -2.76 5.64
N ILE A 114 1.90 -4.05 5.31
CA ILE A 114 1.42 -5.08 6.23
C ILE A 114 2.28 -5.09 7.50
N LEU A 115 3.58 -4.82 7.36
CA LEU A 115 4.43 -4.70 8.54
C LEU A 115 3.95 -3.58 9.46
N ASP A 116 3.59 -2.43 8.87
CA ASP A 116 2.99 -1.35 9.66
C ASP A 116 1.64 -1.77 10.25
N PHE A 117 0.82 -2.46 9.46
CA PHE A 117 -0.46 -2.94 9.95
C PHE A 117 -0.26 -3.94 11.08
N ALA A 118 0.73 -4.82 10.94
CA ALA A 118 1.00 -5.79 12.00
C ALA A 118 1.41 -5.09 13.29
N PHE A 119 2.29 -4.10 13.19
CA PHE A 119 2.71 -3.38 14.38
C PHE A 119 1.57 -2.59 15.02
N THR A 120 0.72 -1.97 14.17
CA THR A 120 -0.39 -1.19 14.71
C THR A 120 -1.36 -2.07 15.50
N LEU A 121 -1.67 -3.25 14.97
CA LEU A 121 -2.59 -4.17 15.62
C LEU A 121 -1.89 -5.18 16.52
N ASP A 122 -0.56 -5.15 16.59
CA ASP A 122 0.21 -6.14 17.35
C ASP A 122 -0.10 -7.56 16.90
N LEU A 123 -0.35 -7.74 15.60
CA LEU A 123 -0.64 -9.06 15.07
C LEU A 123 0.64 -9.89 15.03
N PRO A 124 0.66 -11.07 15.64
CA PRO A 124 1.87 -11.91 15.58
C PRO A 124 2.16 -12.41 14.18
N HIS A 125 3.26 -13.14 14.03
CA HIS A 125 3.69 -13.68 12.73
C HIS A 125 3.91 -12.56 11.72
N LYS A 126 4.52 -11.47 12.17
CA LYS A 126 4.81 -10.36 11.28
C LYS A 126 5.79 -10.77 10.18
N ILE A 127 6.83 -11.52 10.55
CA ILE A 127 7.84 -11.91 9.58
C ILE A 127 7.25 -12.84 8.53
N ARG A 128 6.29 -13.68 8.93
CA ARG A 128 5.64 -14.57 7.97
C ARG A 128 4.79 -13.78 6.98
N TYR A 129 4.05 -12.79 7.46
CA TYR A 129 3.28 -11.93 6.55
C TYR A 129 4.21 -11.11 5.66
N PHE A 130 5.33 -10.64 6.22
CA PHE A 130 6.27 -9.83 5.46
C PHE A 130 6.79 -10.59 4.24
N PHE A 131 7.28 -11.81 4.46
CA PHE A 131 7.79 -12.60 3.34
C PHE A 131 6.67 -13.08 2.43
N ALA A 132 5.44 -13.21 2.96
CA ALA A 132 4.32 -13.59 2.12
C ALA A 132 4.06 -12.54 1.05
N VAL A 133 3.95 -11.28 1.45
CA VAL A 133 3.74 -10.20 0.48
C VAL A 133 4.98 -10.00 -0.37
N PHE A 134 6.17 -10.09 0.22
CA PHE A 134 7.40 -9.88 -0.51
C PHE A 134 7.54 -10.88 -1.65
N LEU A 135 7.26 -12.16 -1.37
CA LEU A 135 7.32 -13.17 -2.42
C LEU A 135 6.10 -13.13 -3.33
N THR A 136 4.96 -12.67 -2.83
CA THR A 136 3.78 -12.54 -3.68
C THR A 136 4.02 -11.53 -4.79
N LEU A 137 4.57 -10.36 -4.45
CA LEU A 137 4.88 -9.35 -5.46
C LEU A 137 5.95 -9.84 -6.43
N TRP A 138 6.98 -10.51 -5.91
CA TRP A 138 8.07 -10.97 -6.76
C TRP A 138 7.57 -11.95 -7.82
N CYS A 139 6.67 -12.85 -7.43
CA CYS A 139 6.05 -13.74 -8.41
C CYS A 139 5.26 -12.95 -9.43
N GLY A 140 4.61 -11.87 -9.01
CA GLY A 140 3.92 -11.01 -9.95
C GLY A 140 4.87 -10.31 -10.90
N VAL A 141 6.03 -9.89 -10.40
CA VAL A 141 7.02 -9.24 -11.25
C VAL A 141 7.50 -10.18 -12.35
N ALA A 142 7.75 -11.44 -11.99
CA ALA A 142 8.19 -12.43 -12.96
C ALA A 142 7.08 -12.87 -13.91
N ALA A 143 5.84 -12.44 -13.68
CA ALA A 143 4.68 -12.94 -14.40
C ALA A 143 4.26 -12.02 -15.55
N PHE A 144 5.12 -11.10 -15.98
CA PHE A 144 4.87 -10.39 -17.21
C PHE A 144 6.08 -10.26 -18.13
N VAL A 145 7.30 -10.38 -17.61
CA VAL A 145 8.50 -10.40 -18.45
C VAL A 145 8.66 -11.74 -19.14
N THR A 146 7.74 -12.68 -18.93
CA THR A 146 7.76 -14.01 -19.52
C THR A 146 6.69 -14.10 -20.61
N PRO A 147 7.02 -13.83 -21.86
CA PRO A 147 6.01 -13.85 -22.95
C PRO A 147 5.71 -15.27 -23.43
N SER A 148 5.12 -16.06 -22.53
CA SER A 148 4.79 -17.45 -22.84
C SER A 148 3.64 -17.88 -21.94
N ALA A 149 3.27 -19.16 -22.04
CA ALA A 149 2.20 -19.71 -21.23
C ALA A 149 2.56 -19.78 -19.75
N TYR A 150 3.83 -19.62 -19.39
CA TYR A 150 4.24 -19.63 -18.01
C TYR A 150 4.03 -18.30 -17.32
N ARG A 151 3.51 -17.30 -18.04
CA ARG A 151 3.13 -16.05 -17.40
C ARG A 151 2.11 -16.27 -16.30
N PHE A 152 1.13 -17.15 -16.55
CA PHE A 152 0.15 -17.50 -15.54
C PHE A 152 0.69 -18.47 -14.51
N ALA A 153 1.79 -19.16 -14.81
CA ALA A 153 2.41 -20.05 -13.83
C ALA A 153 2.94 -19.25 -12.64
N TYR A 154 3.68 -18.18 -12.92
CA TYR A 154 4.11 -17.29 -11.84
C TYR A 154 2.91 -16.61 -11.20
N TYR A 155 1.87 -16.29 -11.99
CA TYR A 155 0.66 -15.74 -11.42
C TYR A 155 0.01 -16.72 -10.45
N ALA A 156 -0.06 -18.01 -10.82
CA ALA A 156 -0.60 -19.00 -9.92
C ALA A 156 0.23 -19.14 -8.67
N LEU A 157 1.57 -19.09 -8.82
CA LEU A 157 2.44 -19.17 -7.65
C LEU A 157 2.23 -17.99 -6.72
N GLY A 158 2.04 -16.79 -7.28
CA GLY A 158 1.74 -15.64 -6.44
C GLY A 158 0.45 -15.79 -5.68
N CYS A 159 -0.59 -16.29 -6.35
CA CYS A 159 -1.87 -16.53 -5.68
C CYS A 159 -1.72 -17.60 -4.60
N CYS A 160 -0.90 -18.62 -4.86
CA CYS A 160 -0.63 -19.62 -3.84
C CYS A 160 0.07 -19.02 -2.63
N TRP A 161 0.81 -17.93 -2.83
CA TRP A 161 1.43 -17.22 -1.71
C TRP A 161 0.53 -16.17 -1.09
N PHE A 162 -0.47 -15.68 -1.83
CA PHE A 162 -1.32 -14.60 -1.36
C PHE A 162 -2.60 -15.10 -0.69
N THR A 163 -3.20 -16.15 -1.22
CA THR A 163 -4.46 -16.65 -0.66
C THR A 163 -4.31 -17.08 0.80
N PRO A 164 -3.31 -17.89 1.18
CA PRO A 164 -3.11 -18.15 2.62
C PRO A 164 -2.59 -16.94 3.37
N PHE A 165 -2.17 -15.89 2.69
CA PHE A 165 -1.88 -14.62 3.34
C PHE A 165 -3.13 -13.74 3.44
N ALA A 166 -3.95 -13.72 2.39
CA ALA A 166 -5.23 -13.04 2.49
C ALA A 166 -6.07 -13.67 3.60
N LEU A 167 -6.12 -14.99 3.62
CA LEU A 167 -6.59 -15.71 4.80
C LEU A 167 -5.51 -15.65 5.89
N SER A 168 -5.92 -15.95 7.12
CA SER A 168 -5.07 -15.93 8.30
C SER A 168 -4.70 -14.51 8.69
N LEU A 169 -4.99 -13.57 7.80
CA LEU A 169 -5.00 -12.16 8.16
C LEU A 169 -6.40 -11.70 8.46
N MET A 170 -7.39 -12.30 7.80
CA MET A 170 -8.78 -12.10 8.17
C MET A 170 -9.07 -12.70 9.54
N ARG A 171 -8.49 -13.86 9.84
CA ARG A 171 -8.64 -14.46 11.17
C ARG A 171 -8.19 -13.48 12.25
N HIS A 172 -6.91 -13.11 12.22
CA HIS A 172 -6.34 -12.29 13.28
C HIS A 172 -7.04 -10.95 13.38
N VAL A 173 -7.36 -10.35 12.23
CA VAL A 173 -8.10 -9.09 12.24
C VAL A 173 -9.48 -9.28 12.86
N LYS A 174 -10.18 -10.33 12.45
CA LYS A 174 -11.51 -10.58 12.99
C LYS A 174 -11.47 -10.87 14.48
N GLU A 175 -10.46 -11.64 14.92
CA GLU A 175 -10.35 -11.96 16.34
C GLU A 175 -10.12 -10.71 17.18
N ARG A 176 -9.27 -9.80 16.71
CA ARG A 176 -8.95 -8.61 17.49
C ARG A 176 -9.96 -7.48 17.29
N TYR A 177 -10.74 -7.51 16.21
CA TYR A 177 -11.71 -6.45 15.97
C TYR A 177 -12.74 -6.37 17.09
N LEU A 178 -13.07 -7.50 17.70
CA LEU A 178 -14.06 -7.51 18.79
C LEU A 178 -13.51 -6.94 20.09
N VAL A 179 -12.22 -6.67 20.17
CA VAL A 179 -11.61 -6.17 21.40
C VAL A 179 -11.60 -4.65 21.45
N TYR A 180 -11.35 -4.01 20.30
CA TYR A 180 -11.20 -2.57 20.24
C TYR A 180 -12.53 -1.86 20.50
N PRO A 181 -12.49 -0.60 20.94
CA PRO A 181 -13.72 0.16 21.13
C PRO A 181 -14.36 0.48 19.79
N PRO A 182 -15.66 0.73 19.75
CA PRO A 182 -16.30 1.09 18.47
C PRO A 182 -15.69 2.32 17.82
N LYS A 183 -15.25 3.30 18.61
CA LYS A 183 -14.58 4.47 18.04
C LYS A 183 -13.32 4.06 17.28
N CYS A 184 -12.52 3.18 17.85
CA CYS A 184 -11.35 2.68 17.14
C CYS A 184 -11.76 1.68 16.06
N GLN A 185 -12.77 0.86 16.33
CA GLN A 185 -13.23 -0.11 15.34
C GLN A 185 -13.67 0.56 14.05
N ARG A 186 -14.17 1.81 14.14
CA ARG A 186 -14.63 2.55 12.97
C ARG A 186 -13.56 2.62 11.90
N TRP A 187 -12.41 3.22 12.23
CA TRP A 187 -11.33 3.32 11.26
C TRP A 187 -10.78 1.95 10.91
N LEU A 188 -10.64 1.08 11.92
CA LEU A 188 -10.14 -0.27 11.66
C LEU A 188 -11.00 -0.99 10.64
N PHE A 189 -12.32 -0.85 10.76
CA PHE A 189 -13.21 -1.43 9.76
C PHE A 189 -12.95 -0.83 8.38
N TRP A 190 -12.79 0.50 8.31
CA TRP A 190 -12.51 1.13 7.04
C TRP A 190 -11.14 0.71 6.49
N ALA A 191 -10.16 0.57 7.37
CA ALA A 191 -8.85 0.08 6.92
C ALA A 191 -8.96 -1.33 6.37
N CYS A 192 -9.75 -2.19 7.01
CA CYS A 192 -9.95 -3.54 6.51
C CYS A 192 -10.70 -3.53 5.18
N VAL A 193 -11.61 -2.58 4.98
CA VAL A 193 -12.24 -2.42 3.67
C VAL A 193 -11.18 -2.06 2.63
N ILE A 194 -10.31 -1.11 2.97
CA ILE A 194 -9.19 -0.79 2.09
C ILE A 194 -8.30 -2.01 1.91
N PHE A 195 -8.03 -2.71 3.01
CA PHE A 195 -7.19 -3.90 2.99
C PHE A 195 -7.83 -5.02 2.16
N PHE A 196 -8.98 -5.51 2.60
CA PHE A 196 -9.62 -6.66 1.96
C PHE A 196 -10.75 -6.21 1.04
N GLY A 197 -10.55 -5.10 0.36
CA GLY A 197 -11.44 -4.72 -0.71
C GLY A 197 -10.73 -4.23 -1.96
N PHE A 198 -9.43 -3.92 -1.84
CA PHE A 198 -8.68 -3.35 -2.95
C PHE A 198 -7.40 -4.12 -3.26
N TRP A 199 -6.78 -4.73 -2.24
CA TRP A 199 -5.65 -5.61 -2.51
C TRP A 199 -6.04 -6.79 -3.39
N PRO A 200 -7.16 -7.49 -3.14
CA PRO A 200 -7.57 -8.55 -4.08
C PRO A 200 -7.90 -8.04 -5.47
N MET A 201 -8.04 -6.72 -5.66
CA MET A 201 -8.31 -6.18 -6.98
C MET A 201 -7.06 -6.18 -7.86
N PHE A 202 -5.87 -6.15 -7.26
CA PHE A 202 -4.64 -6.21 -8.05
C PHE A 202 -4.54 -7.46 -8.89
N PRO A 203 -4.77 -8.68 -8.37
CA PRO A 203 -4.76 -9.85 -9.25
C PRO A 203 -5.82 -9.79 -10.32
N ILE A 204 -6.99 -9.24 -10.01
CA ILE A 204 -8.09 -9.20 -10.97
C ILE A 204 -7.74 -8.32 -12.15
N LEU A 205 -7.14 -7.16 -11.89
CA LEU A 205 -6.69 -6.30 -12.99
C LEU A 205 -5.66 -7.00 -13.85
N PHE A 206 -4.79 -7.82 -13.24
CA PHE A 206 -3.80 -8.54 -14.02
C PHE A 206 -4.45 -9.52 -14.98
N ILE A 207 -5.51 -10.20 -14.54
CA ILE A 207 -6.22 -11.13 -15.42
C ILE A 207 -6.85 -10.39 -16.59
N PHE A 208 -7.50 -9.27 -16.31
CA PHE A 208 -8.24 -8.55 -17.34
C PHE A 208 -7.37 -7.60 -18.16
N SER A 209 -6.11 -7.42 -17.79
CA SER A 209 -5.23 -6.56 -18.57
C SER A 209 -4.84 -7.26 -19.87
N TRP A 210 -4.08 -6.54 -20.70
CA TRP A 210 -3.60 -7.11 -21.95
C TRP A 210 -2.70 -8.32 -21.71
N LEU A 211 -2.13 -8.44 -20.51
CA LEU A 211 -1.34 -9.61 -20.17
C LEU A 211 -2.20 -10.86 -20.10
N GLY A 212 -3.45 -10.73 -19.65
CA GLY A 212 -4.34 -11.86 -19.56
C GLY A 212 -5.52 -11.81 -20.52
N THR A 213 -6.69 -11.44 -19.99
CA THR A 213 -7.90 -11.42 -20.82
C THR A 213 -7.81 -10.37 -21.93
N GLY A 214 -7.31 -9.17 -21.59
CA GLY A 214 -7.20 -8.10 -22.55
C GLY A 214 -8.27 -7.04 -22.48
N HIS A 215 -9.16 -7.10 -21.49
CA HIS A 215 -10.20 -6.08 -21.36
C HIS A 215 -9.59 -4.71 -21.08
N ILE A 216 -8.59 -4.64 -20.21
CA ILE A 216 -7.94 -3.39 -19.85
C ILE A 216 -6.78 -3.15 -20.81
N SER A 217 -6.73 -1.96 -21.39
CA SER A 217 -5.64 -1.59 -22.27
C SER A 217 -4.43 -1.15 -21.45
N GLN A 218 -3.29 -1.01 -22.14
CA GLN A 218 -2.08 -0.57 -21.46
C GLN A 218 -2.23 0.83 -20.88
N GLN A 219 -2.85 1.74 -21.65
CA GLN A 219 -3.04 3.11 -21.18
C GLN A 219 -3.92 3.13 -19.92
N ALA A 220 -5.01 2.38 -19.94
CA ALA A 220 -5.90 2.35 -18.79
C ALA A 220 -5.25 1.65 -17.60
N PHE A 221 -4.33 0.72 -17.86
CA PHE A 221 -3.73 -0.05 -16.77
C PHE A 221 -2.92 0.83 -15.84
N TYR A 222 -2.13 1.76 -16.40
CA TYR A 222 -1.37 2.68 -15.56
C TYR A 222 -2.30 3.61 -14.79
N ILE A 223 -3.36 4.10 -15.45
CA ILE A 223 -4.25 5.07 -14.84
C ILE A 223 -4.98 4.47 -13.65
N ILE A 224 -5.53 3.26 -13.82
CA ILE A 224 -6.29 2.64 -12.74
C ILE A 224 -5.38 2.25 -11.59
N HIS A 225 -4.16 1.80 -11.88
CA HIS A 225 -3.21 1.52 -10.82
C HIS A 225 -2.72 2.80 -10.16
N ALA A 226 -2.62 3.89 -10.91
CA ALA A 226 -2.32 5.18 -10.29
C ALA A 226 -3.44 5.58 -9.33
N PHE A 227 -4.69 5.34 -9.72
CA PHE A 227 -5.81 5.61 -8.82
C PHE A 227 -5.87 4.59 -7.69
N LEU A 228 -5.45 3.35 -7.94
CA LEU A 228 -5.39 2.36 -6.87
C LEU A 228 -4.04 2.37 -6.17
N ASP A 229 -3.60 3.57 -5.79
CA ASP A 229 -2.48 3.71 -4.87
C ASP A 229 -2.74 4.74 -3.76
N LEU A 230 -3.59 5.74 -4.00
CA LEU A 230 -3.98 6.64 -2.91
C LEU A 230 -4.71 5.87 -1.82
N THR A 231 -5.64 5.00 -2.22
CA THR A 231 -6.37 4.18 -1.24
C THR A 231 -5.43 3.22 -0.54
N CYS A 232 -4.54 2.57 -1.28
CA CYS A 232 -3.66 1.57 -0.70
C CYS A 232 -2.53 2.19 0.13
N LYS A 233 -1.92 3.28 -0.37
CA LYS A 233 -0.78 3.90 0.31
C LYS A 233 -1.18 5.11 1.15
N SER A 234 -1.81 6.12 0.53
CA SER A 234 -2.09 7.37 1.24
C SER A 234 -3.29 7.24 2.16
N ILE A 235 -4.46 6.97 1.58
CA ILE A 235 -5.70 6.93 2.38
C ILE A 235 -5.61 5.86 3.45
N PHE A 236 -5.07 4.69 3.10
CA PHE A 236 -4.88 3.64 4.09
C PHE A 236 -3.94 4.11 5.19
N GLY A 237 -2.87 4.82 4.81
CA GLY A 237 -2.00 5.40 5.81
C GLY A 237 -2.70 6.42 6.67
N ILE A 238 -3.53 7.26 6.06
CA ILE A 238 -4.26 8.28 6.80
C ILE A 238 -5.17 7.63 7.83
N LEU A 239 -5.88 6.58 7.42
CA LEU A 239 -6.72 5.84 8.36
C LEU A 239 -5.88 5.24 9.48
N MET A 240 -4.73 4.65 9.13
CA MET A 240 -3.86 4.07 10.15
C MET A 240 -3.39 5.13 11.13
N THR A 241 -3.08 6.33 10.65
CA THR A 241 -2.69 7.42 11.55
C THR A 241 -3.83 7.79 12.49
N VAL A 242 -5.03 8.00 11.94
CA VAL A 242 -6.18 8.35 12.78
C VAL A 242 -6.53 7.20 13.71
N PHE A 243 -6.52 5.98 13.19
CA PHE A 243 -6.78 4.82 14.04
C PHE A 243 -5.75 4.72 15.16
N ARG A 244 -4.49 5.00 14.84
CA ARG A 244 -3.47 5.07 15.88
C ARG A 244 -3.78 6.19 16.87
N LEU A 245 -4.22 7.35 16.37
CA LEU A 245 -4.59 8.45 17.26
C LEU A 245 -5.71 8.03 18.20
N GLU A 246 -6.74 7.36 17.66
CA GLU A 246 -7.79 6.83 18.52
C GLU A 246 -7.27 5.74 19.43
N LEU A 247 -6.43 4.84 18.90
CA LEU A 247 -5.84 3.80 19.72
C LEU A 247 -4.97 4.41 20.82
N GLU A 248 -4.11 5.36 20.46
CA GLU A 248 -3.17 5.90 21.43
C GLU A 248 -3.89 6.62 22.56
N GLU A 249 -4.82 7.50 22.22
CA GLU A 249 -5.55 8.21 23.26
C GLU A 249 -6.35 7.25 24.13
N HIS A 250 -7.11 6.37 23.49
CA HIS A 250 -7.97 5.47 24.25
C HIS A 250 -7.16 4.60 25.20
N THR A 251 -6.01 4.10 24.73
CA THR A 251 -5.17 3.26 25.58
C THR A 251 -4.42 4.07 26.62
N GLU A 252 -3.84 5.21 26.23
CA GLU A 252 -2.98 5.98 27.14
C GLU A 252 -3.74 7.10 27.85
N VAL A 253 -4.25 8.06 27.09
CA VAL A 253 -4.90 9.22 27.70
C VAL A 253 -6.19 8.81 28.37
N GLN A 254 -7.02 8.06 27.67
CA GLN A 254 -8.24 7.55 28.28
C GLN A 254 -7.99 6.36 29.19
N GLY A 255 -6.80 5.78 29.15
CA GLY A 255 -6.46 4.68 30.03
C GLY A 255 -7.31 3.44 29.83
N LEU A 256 -7.60 3.09 28.59
CA LEU A 256 -8.44 1.94 28.29
C LEU A 256 -7.83 1.07 27.22
C1 RET B . -0.03 -9.98 -8.58
C2 RET B . 0.37 -11.19 -9.46
C3 RET B . -0.26 -12.43 -9.21
C4 RET B . -0.26 -12.85 -7.79
C5 RET B . -0.60 -11.74 -6.84
C6 RET B . -0.41 -10.44 -7.14
C7 RET B . -0.58 -9.45 -6.01
C8 RET B . -0.52 -8.12 -5.96
C9 RET B . -0.73 -7.28 -4.78
C10 RET B . -0.33 -6.00 -4.87
C11 RET B . -0.24 -5.05 -3.80
C12 RET B . 0.08 -3.78 -3.98
C13 RET B . 0.14 -2.82 -2.85
C14 RET B . 0.69 -1.59 -3.03
C15 RET B . 0.86 -0.74 -4.20
C16 RET B . 1.24 -9.13 -8.70
C17 RET B . -1.13 -9.17 -9.25
C18 RET B . -1.63 -12.25 -5.84
C19 RET B . -1.03 -7.96 -3.48
C20 RET B . -0.16 -3.34 -1.49
C1 CLR C . -12.48 7.49 3.04
C2 CLR C . -12.86 7.81 4.45
C3 CLR C . -14.24 8.38 4.52
C4 CLR C . -15.24 7.36 3.93
C5 CLR C . -14.86 6.80 2.57
C6 CLR C . -15.81 6.60 1.69
C7 CLR C . -15.57 6.02 0.27
C8 CLR C . -14.11 5.58 0.04
C9 CLR C . -13.16 6.54 0.82
C10 CLR C . -13.37 6.48 2.34
C11 CLR C . -11.69 6.40 0.41
C12 CLR C . -11.50 6.54 -1.10
C13 CLR C . -12.28 5.41 -1.79
C14 CLR C . -13.80 5.67 -1.43
C15 CLR C . -14.56 4.69 -2.40
C16 CLR C . -13.61 4.61 -3.66
C17 CLR C . -12.40 5.58 -3.35
C18 CLR C . -11.82 4.04 -1.42
C19 CLR C . -13.07 5.05 2.83
C20 CLR C . -11.13 5.21 -4.12
C21 CLR C . -10.24 6.42 -4.48
C22 CLR C . -11.63 4.56 -5.48
C23 CLR C . -10.67 4.81 -6.65
C24 CLR C . -9.90 3.46 -6.83
C25 CLR C . -10.17 2.91 -8.24
C26 CLR C . -8.98 2.02 -8.63
C27 CLR C . -10.50 3.99 -9.28
O1 CLR C . -14.63 8.76 5.83
C1 CLR D . -16.64 -9.11 9.96
C2 CLR D . -16.77 -9.15 11.46
C3 CLR D . -15.44 -9.01 12.16
C4 CLR D . -14.69 -7.75 11.66
C5 CLR D . -14.64 -7.62 10.15
C6 CLR D . -13.48 -7.32 9.59
C7 CLR D . -13.32 -7.15 8.06
C8 CLR D . -14.68 -6.89 7.42
C9 CLR D . -15.68 -7.97 7.91
C10 CLR D . -15.98 -7.84 9.42
C11 CLR D . -16.95 -8.06 7.04
C12 CLR D . -16.67 -8.06 5.53
C13 CLR D . -15.89 -6.79 5.16
C14 CLR D . -14.52 -6.97 5.92
C15 CLR D . -13.57 -5.92 5.25
C16 CLR D . -14.05 -5.89 3.76
C17 CLR D . -15.38 -6.73 3.66
C18 CLR D . -16.59 -5.52 5.52
C19 CLR D . -16.89 -6.62 9.66
C20 CLR D . -16.30 -6.05 2.64
C21 CLR D . -17.60 -6.81 2.33
C22 CLR D . -15.45 -6.02 1.33
C23 CLR D . -16.27 -5.56 0.11
C24 CLR D . -15.80 -4.09 -0.14
C25 CLR D . -15.45 -3.92 -1.63
C26 CLR D . -14.58 -2.66 -1.74
C27 CLR D . -16.66 -3.93 -2.55
O1 CLR D . -15.52 -9.00 13.57
C1 CLR E . -7.35 -16.66 -16.93
C2 CLR E . -7.59 -16.48 -18.41
C3 CLR E . -6.53 -17.13 -19.26
C4 CLR E . -6.40 -18.61 -18.86
C5 CLR E . -6.12 -18.77 -17.39
C6 CLR E . -5.05 -19.44 -17.02
C7 CLR E . -4.65 -19.66 -15.56
C8 CLR E . -5.82 -19.41 -14.61
C9 CLR E . -6.59 -18.11 -15.00
C10 CLR E . -7.15 -18.10 -16.45
C11 CLR E . -7.65 -17.77 -13.94
C12 CLR E . -7.11 -17.75 -12.49
C13 CLR E . -6.40 -19.08 -12.16
C14 CLR E . -5.27 -19.20 -13.25
C15 CLR E . -4.29 -20.28 -12.70
C16 CLR E . -4.45 -20.16 -11.14
C17 CLR E . -5.49 -19.02 -10.87
C18 CLR E . -7.30 -20.28 -12.13
C19 CLR E . -8.48 -18.88 -16.51
C20 CLR E . -6.23 -19.26 -9.53
C21 CLR E . -6.45 -17.98 -8.71
C22 CLR E . -5.30 -20.21 -8.69
C23 CLR E . -5.63 -20.20 -7.19
C24 CLR E . -4.47 -21.03 -6.58
C25 CLR E . -4.94 -21.65 -5.24
C26 CLR E . -4.71 -20.60 -4.15
C27 CLR E . -4.29 -23.01 -4.95
O1 CLR E . -6.73 -17.01 -20.66
C27 PEE F . 15.12 -12.56 0.94
C26 PEE F . 15.05 -11.07 0.67
C25 PEE F . 14.54 -10.32 1.90
C24 PEE F . 14.67 -8.80 1.72
C23 PEE F . 14.84 -8.03 3.04
C22 PEE F . 14.21 -8.79 4.20
C21 PEE F . 13.94 -7.96 5.46
C20 PEE F . 12.93 -8.59 6.42
C19 PEE F . 12.37 -7.59 7.43
C18 PEE F . 12.00 -8.28 8.75
C17 PEE F . 10.69 -7.77 9.32
C16 PEE F . 10.09 -8.85 10.22
C15 PEE F . 9.34 -8.27 11.40
C14 PEE F . 10.28 -7.53 12.35
C13 PEE F . 10.28 -8.13 13.75
C12 PEE F . 8.93 -7.93 14.45
C11 PEE F . 8.73 -8.92 15.60
C10 PEE F . 9.40 -8.39 16.85
O4 PEE F . 8.80 -7.98 17.83
O2 PEE F . 10.75 -8.40 16.80
C2 PEE F . 11.50 -9.00 17.85
C1 PEE F . 10.89 -10.42 18.07
O3P PEE F . 9.94 -10.31 19.06
P PEE F . 10.22 -10.54 20.68
O2P PEE F . 10.90 -9.32 21.24
O1P PEE F . 10.39 -11.99 20.91
O4P PEE F . 8.51 -10.25 21.05
C4 PEE F . 8.00 -10.71 22.23
C5 PEE F . 6.62 -10.03 22.42
N PEE F . 6.72 -9.13 23.64
C3 PEE F . 12.95 -9.13 17.35
O3 PEE F . 13.10 -10.29 16.57
C30 PEE F . 14.00 -10.35 15.56
O5 PEE F . 15.07 -10.92 15.72
C31 PEE F . 13.56 -9.64 14.30
C32 PEE F . 13.88 -10.50 13.07
C33 PEE F . 15.32 -10.37 12.55
C34 PEE F . 15.40 -9.99 11.07
C35 PEE F . 15.13 -11.15 10.11
C36 PEE F . 14.77 -10.67 8.70
C37 PEE F . 15.93 -10.77 7.68
C38 PEE F . 16.73 -9.45 7.57
C39 PEE F . 17.33 -9.17 6.19
C40 PEE F . 17.47 -10.42 5.29
C41 PEE F . 18.75 -10.43 4.43
C42 PEE F . 18.49 -10.72 2.93
C43 PEE F . 19.32 -9.84 1.98
C44 PEE F . 18.71 -9.67 0.59
C45 PEE F . 19.03 -8.34 -0.12
C46 PEE F . 19.54 -8.53 -1.55
C47 PEE F . 19.57 -7.22 -2.32
C27 PEE G . 17.13 -4.59 -13.20
C26 PEE G . 16.33 -4.03 -12.03
C25 PEE G . 16.90 -4.47 -10.68
C24 PEE G . 15.96 -5.42 -9.95
C23 PEE G . 15.76 -6.76 -10.67
C22 PEE G . 14.27 -6.95 -11.00
C21 PEE G . 13.94 -8.28 -11.69
C20 PEE G . 12.92 -8.16 -12.82
C19 PEE G . 13.56 -7.98 -14.19
C18 PEE G . 13.51 -9.26 -15.01
C17 PEE G . 14.73 -9.43 -15.91
C16 PEE G . 14.43 -8.85 -17.29
C15 PEE G . 15.44 -9.30 -18.35
C14 PEE G . 15.15 -8.65 -19.71
C13 PEE G . 14.86 -9.66 -20.81
C12 PEE G . 15.96 -10.72 -20.89
C11 PEE G . 16.34 -11.05 -22.35
C10 PEE G . 16.57 -12.53 -22.50
O4 PEE G . 15.69 -13.36 -22.48
O2 PEE G . 17.87 -12.88 -22.65
C2 PEE G . 18.20 -14.26 -22.52
C1 PEE G . 18.86 -14.67 -23.86
O3P PEE G . 18.37 -15.93 -24.17
P PEE G . 17.54 -16.30 -25.56
O2P PEE G . 17.18 -15.03 -26.27
O1P PEE G . 16.84 -17.58 -25.35
O4P PEE G . 19.05 -16.80 -26.36
C4 PEE G . 19.01 -17.86 -27.20
C5 PEE G . 18.78 -17.32 -28.64
N PEE G . 17.40 -17.78 -29.10
C3 PEE G . 19.20 -14.41 -21.35
O3 PEE G . 18.95 -13.41 -20.37
C30 PEE G . 18.33 -13.75 -19.21
O5 PEE G . 17.84 -14.86 -19.09
C31 PEE G . 18.35 -12.65 -18.17
C32 PEE G . 17.72 -13.18 -16.88
C33 PEE G . 17.60 -12.13 -15.77
C34 PEE G . 17.18 -12.74 -14.43
C35 PEE G . 17.11 -11.74 -13.27
C36 PEE G . 16.16 -12.22 -12.17
C37 PEE G . 16.39 -11.53 -10.81
C38 PEE G . 15.99 -12.43 -9.64
C39 PEE G . 15.72 -11.67 -8.33
C40 PEE G . 15.80 -12.56 -7.08
C41 PEE G . 14.72 -12.28 -6.03
C42 PEE G . 13.44 -13.10 -6.27
C43 PEE G . 12.92 -13.74 -4.98
C44 PEE G . 11.72 -14.68 -5.16
C45 PEE G . 11.42 -15.15 -6.58
C46 PEE G . 10.08 -15.87 -6.67
C47 PEE G . 9.65 -16.09 -8.11
C27 PEE H . -14.66 8.88 -2.79
C26 PEE H . -13.92 10.18 -2.60
C25 PEE H . -12.46 9.95 -2.23
C24 PEE H . -11.73 11.27 -2.03
C23 PEE H . -10.21 11.12 -1.91
C22 PEE H . -9.78 11.41 -0.47
C21 PEE H . -9.33 12.83 -0.19
C20 PEE H . -8.61 13.02 1.15
C19 PEE H . -9.57 13.34 2.30
C18 PEE H . -9.43 12.37 3.46
C17 PEE H . -9.38 10.91 2.99
C16 PEE H . -9.25 9.96 4.19
C15 PEE H . -9.68 10.57 5.51
C14 PEE H . -10.05 9.50 6.52
C13 PEE H . -11.04 9.99 7.56
C12 PEE H . -10.37 10.94 8.55
C11 PEE H . -11.03 12.32 8.55
C10 PEE H . -11.34 12.74 9.95
O4 PEE H . -12.44 13.11 10.32
O2 PEE H . -10.30 12.67 10.82
C2 PEE H . -10.45 13.25 12.11
C1 PEE H . -10.83 12.07 13.05
O3P PEE H . -11.87 12.52 13.86
P PEE H . -13.44 12.70 13.37
O2P PEE H . -14.03 11.36 13.10
O1P PEE H . -13.57 14.02 12.69
O4P PEE H . -13.94 13.06 15.03
C4 PEE H . -13.93 14.35 15.45
C5 PEE H . -13.45 14.34 16.93
N PEE H . -12.12 13.59 16.97
C3 PEE H . -9.11 13.87 12.54
O3 PEE H . -8.06 13.32 11.78
C30 PEE H . -7.56 14.00 10.72
O5 PEE H . -7.28 15.19 10.83
C31 PEE H . -7.41 13.17 9.48
C32 PEE H . -7.88 13.98 8.26
C33 PEE H . -6.76 14.77 7.59
C34 PEE H . -6.51 14.29 6.17
C35 PEE H . -5.75 15.30 5.30
C36 PEE H . -5.87 14.97 3.81
C37 PEE H . -4.57 14.44 3.20
C38 PEE H . -3.41 15.42 3.41
C39 PEE H . -2.82 15.91 2.08
C40 PEE H . -2.38 17.38 2.12
C41 PEE H . -1.46 17.77 0.96
C42 PEE H . -2.03 17.35 -0.40
C43 PEE H . -1.51 18.20 -1.56
C44 PEE H . -2.61 18.79 -2.44
C45 PEE H . -3.21 17.83 -3.47
C46 PEE H . -2.95 18.28 -4.90
C47 PEE H . -3.41 17.23 -5.92
C27 PEE I . -1.08 -24.16 3.58
C26 PEE I . -1.46 -23.70 2.18
C25 PEE I . -0.70 -24.50 1.13
C24 PEE I . -1.33 -24.35 -0.26
C23 PEE I . -1.81 -22.92 -0.57
C22 PEE I . -3.14 -22.96 -1.30
C21 PEE I . -4.24 -22.10 -0.70
C20 PEE I . -4.89 -22.72 0.54
C19 PEE I . -5.89 -21.80 1.21
C18 PEE I . -5.61 -21.65 2.71
C17 PEE I . -6.81 -22.04 3.56
C16 PEE I . -6.45 -21.88 5.04
C15 PEE I . -5.81 -20.53 5.36
C14 PEE I . -4.87 -20.62 6.56
C13 PEE I . -3.43 -20.26 6.22
C12 PEE I . -2.43 -21.24 6.86
C11 PEE I . -2.79 -21.57 8.31
C10 PEE I . -2.69 -20.34 9.17
O4 PEE I . -3.63 -19.62 9.45
O2 PEE I . -1.45 -20.07 9.63
C2 PEE I . -1.33 -19.16 10.70
C1 PEE I . -1.69 -19.97 11.97
O3P PEE I . -1.45 -19.14 13.06
P PEE I . -1.86 -19.51 14.63
O2P PEE I . -2.91 -20.56 14.61
O1P PEE I . -0.69 -19.24 15.49
O4P PEE I . -2.79 -18.00 14.77
C4 PEE I . -3.27 -17.65 15.99
C5 PEE I . -2.43 -16.44 16.49
N PEE I . -1.54 -16.92 17.63
C3 PEE I . 0.13 -18.68 10.75
O3 PEE I . 0.29 -17.55 9.92
C30 PEE I . 0.63 -17.72 8.62
O5 PEE I . 0.81 -18.84 8.16
C31 PEE I . 0.77 -16.43 7.86
C32 PEE I . 0.29 -16.63 6.43
C33 PEE I . 1.19 -15.96 5.39
C34 PEE I . 2.29 -16.90 4.89
C35 PEE I . 1.76 -18.19 4.26
C36 PEE I . 2.74 -19.36 4.43
C37 PEE I . 2.93 -20.20 3.16
C38 PEE I . 1.60 -20.65 2.56
C39 PEE I . 1.73 -21.71 1.47
C40 PEE I . 3.01 -21.59 0.62
C41 PEE I . 2.76 -21.17 -0.82
C42 PEE I . 3.74 -21.81 -1.81
C43 PEE I . 5.12 -22.06 -1.21
C44 PEE I . 6.06 -22.87 -2.10
C45 PEE I . 5.85 -22.73 -3.60
C46 PEE I . 5.68 -24.06 -4.31
C47 PEE I . 6.96 -24.89 -4.24
#